data_1SPS
#
_entry.id   1SPS
#
_cell.length_a   93.300
_cell.length_b   93.300
_cell.length_c   55.000
_cell.angle_alpha   90.00
_cell.angle_beta   90.00
_cell.angle_gamma   90.00
#
_symmetry.space_group_name_H-M   'P 41'
#
loop_
_entity.id
_entity.type
_entity.pdbx_description
1 polymer 'SRC SH2 DOMAIN'
2 polymer 'PEPTIDE YEEI'
3 water water
#
loop_
_entity_poly.entity_id
_entity_poly.type
_entity_poly.pdbx_seq_one_letter_code
_entity_poly.pdbx_strand_id
1 'polypeptide(L)'
;QAEEWYFGKITRRESERLLLNPENPRGTFLVRESETTKGAYCLSVSDFDNAKGLNVKHYKIRKLDSGGFYITSRTQFSSL
QQLVAYYSKHADGLCHRLTNVCPT
;
A,B,C
2 'polypeptide(L)' EPQ(PTR)EEIPIYL D,E,F
#
# COMPACT_ATOMS: atom_id res chain seq x y z
N ALA A 2 16.62 19.32 -12.19
CA ALA A 2 17.77 18.50 -11.82
C ALA A 2 18.86 18.49 -12.89
N GLU A 3 19.18 17.35 -13.52
CA GLU A 3 20.15 17.26 -14.61
C GLU A 3 21.59 17.74 -14.37
N GLU A 4 21.97 19.05 -14.44
CA GLU A 4 23.35 19.56 -14.32
C GLU A 4 24.35 18.87 -13.40
N TRP A 5 23.80 18.54 -12.23
CA TRP A 5 24.54 18.00 -11.11
C TRP A 5 24.40 16.53 -10.81
N TYR A 6 23.47 15.83 -11.44
CA TYR A 6 23.36 14.39 -11.26
C TYR A 6 24.36 13.65 -12.16
N PHE A 7 25.43 13.05 -11.62
CA PHE A 7 26.43 12.37 -12.40
C PHE A 7 26.18 10.88 -12.62
N GLY A 8 25.09 10.32 -12.08
CA GLY A 8 24.79 8.92 -12.33
C GLY A 8 25.59 7.93 -11.51
N LYS A 9 25.93 6.81 -12.13
CA LYS A 9 26.60 5.72 -11.46
C LYS A 9 28.09 5.92 -11.55
N ILE A 10 28.65 6.92 -10.89
CA ILE A 10 30.09 7.02 -10.94
C ILE A 10 30.68 6.69 -9.57
N THR A 11 31.91 6.24 -9.62
CA THR A 11 32.59 5.82 -8.42
C THR A 11 33.08 6.95 -7.52
N ARG A 12 33.15 6.68 -6.21
CA ARG A 12 33.78 7.58 -5.25
C ARG A 12 35.13 8.07 -5.78
N ARG A 13 35.93 7.15 -6.34
CA ARG A 13 37.24 7.49 -6.89
C ARG A 13 37.12 8.55 -7.97
N GLU A 14 36.20 8.40 -8.92
CA GLU A 14 36.11 9.39 -9.97
C GLU A 14 35.59 10.74 -9.52
N SER A 15 34.64 10.76 -8.58
CA SER A 15 34.04 11.99 -8.11
C SER A 15 35.13 12.78 -7.43
N GLU A 16 36.00 12.12 -6.63
CA GLU A 16 37.10 12.84 -6.01
C GLU A 16 38.11 13.39 -7.01
N ARG A 17 38.37 12.59 -8.06
CA ARG A 17 39.26 12.94 -9.15
C ARG A 17 38.80 14.20 -9.83
N LEU A 18 37.46 14.27 -9.97
CA LEU A 18 36.74 15.37 -10.60
C LEU A 18 36.54 16.58 -9.68
N LEU A 19 36.43 16.38 -8.37
CA LEU A 19 36.19 17.48 -7.48
C LEU A 19 37.48 18.10 -7.01
N LEU A 20 38.59 17.37 -6.96
CA LEU A 20 39.88 17.90 -6.52
C LEU A 20 40.66 18.79 -7.51
N ASN A 21 39.98 19.21 -8.58
CA ASN A 21 40.48 20.15 -9.54
C ASN A 21 40.69 21.46 -8.80
N PRO A 22 41.92 22.03 -8.71
CA PRO A 22 42.25 23.26 -7.94
C PRO A 22 41.68 24.58 -8.42
N GLU A 23 40.98 24.54 -9.55
CA GLU A 23 40.33 25.73 -9.99
C GLU A 23 38.85 25.68 -9.64
N ASN A 24 38.38 24.59 -9.00
CA ASN A 24 37.02 24.51 -8.51
C ASN A 24 36.95 25.34 -7.23
N PRO A 25 36.00 26.27 -7.06
CA PRO A 25 35.71 26.92 -5.80
C PRO A 25 35.31 25.88 -4.77
N ARG A 26 35.44 26.18 -3.50
CA ARG A 26 35.02 25.34 -2.38
C ARG A 26 33.51 25.30 -2.41
N GLY A 27 32.99 24.10 -2.21
CA GLY A 27 31.55 23.94 -2.25
C GLY A 27 31.05 23.42 -3.59
N THR A 28 31.97 23.13 -4.53
CA THR A 28 31.59 22.50 -5.79
C THR A 28 31.07 21.14 -5.40
N PHE A 29 30.06 20.63 -6.10
CA PHE A 29 29.42 19.39 -5.77
C PHE A 29 28.91 18.59 -6.97
N LEU A 30 28.56 17.33 -6.69
CA LEU A 30 27.82 16.53 -7.63
C LEU A 30 27.03 15.46 -6.85
N VAL A 31 25.95 14.88 -7.41
CA VAL A 31 25.16 13.85 -6.76
C VAL A 31 25.37 12.58 -7.61
N ARG A 32 25.75 11.47 -6.99
CA ARG A 32 25.97 10.23 -7.68
C ARG A 32 25.24 9.10 -6.96
N GLU A 33 25.38 7.88 -7.43
CA GLU A 33 24.80 6.76 -6.75
C GLU A 33 25.78 6.29 -5.71
N SER A 34 25.32 5.60 -4.67
CA SER A 34 26.28 5.10 -3.70
C SER A 34 26.87 3.77 -4.15
N GLU A 35 28.21 3.66 -4.24
CA GLU A 35 28.89 2.37 -4.50
C GLU A 35 28.73 1.39 -3.35
N THR A 36 28.68 1.89 -2.12
CA THR A 36 28.59 1.05 -0.96
C THR A 36 27.21 0.71 -0.53
N THR A 37 26.19 1.50 -0.77
CA THR A 37 24.87 1.23 -0.22
C THR A 37 23.93 1.31 -1.37
N LYS A 38 23.43 0.17 -1.77
CA LYS A 38 22.61 0.16 -2.95
C LYS A 38 21.17 0.52 -2.66
N GLY A 39 20.79 1.57 -3.41
CA GLY A 39 19.49 2.25 -3.32
C GLY A 39 19.59 3.70 -2.81
N ALA A 40 20.74 4.03 -2.21
CA ALA A 40 21.04 5.32 -1.62
C ALA A 40 21.95 6.14 -2.52
N TYR A 41 21.80 7.48 -2.53
CA TYR A 41 22.71 8.31 -3.31
C TYR A 41 23.75 8.97 -2.43
N CYS A 42 24.58 9.81 -3.01
CA CYS A 42 25.62 10.47 -2.28
C CYS A 42 25.88 11.91 -2.77
N LEU A 43 26.22 12.87 -1.91
CA LEU A 43 26.52 14.26 -2.27
C LEU A 43 28.01 14.46 -1.98
N SER A 44 28.81 14.66 -3.02
CA SER A 44 30.26 14.85 -2.82
C SER A 44 30.58 16.33 -2.96
N VAL A 45 31.01 16.97 -1.86
CA VAL A 45 31.28 18.42 -1.81
C VAL A 45 32.78 18.62 -1.70
N SER A 46 33.43 19.53 -2.46
CA SER A 46 34.84 19.75 -2.20
C SER A 46 35.01 20.85 -1.16
N ASP A 47 35.97 20.63 -0.28
CA ASP A 47 36.24 21.55 0.79
C ASP A 47 37.72 21.91 0.81
N PHE A 48 38.12 22.93 1.56
CA PHE A 48 39.52 23.32 1.64
C PHE A 48 39.73 23.69 3.05
N ASP A 49 40.24 22.71 3.73
CA ASP A 49 40.76 22.96 5.06
C ASP A 49 42.23 23.36 4.85
N ASN A 50 42.81 24.43 5.39
CA ASN A 50 44.29 24.65 5.32
C ASN A 50 44.96 23.44 6.02
N ALA A 51 46.26 23.07 5.99
CA ALA A 51 46.71 21.81 6.66
C ALA A 51 46.35 20.49 5.99
N LYS A 52 45.13 20.28 5.48
CA LYS A 52 44.82 19.06 4.74
C LYS A 52 44.75 19.36 3.28
N GLY A 53 44.50 20.63 2.94
CA GLY A 53 44.36 21.12 1.57
C GLY A 53 42.97 20.78 1.00
N LEU A 54 42.81 20.82 -0.34
CA LEU A 54 41.57 20.41 -1.02
C LEU A 54 41.18 19.01 -0.60
N ASN A 55 39.90 18.82 -0.33
CA ASN A 55 39.46 17.51 0.05
C ASN A 55 38.03 17.35 -0.33
N VAL A 56 37.39 16.21 -0.15
CA VAL A 56 36.03 16.01 -0.62
C VAL A 56 35.28 15.37 0.56
N LYS A 57 34.14 15.90 0.98
CA LYS A 57 33.37 15.27 2.00
C LYS A 57 32.26 14.52 1.26
N HIS A 58 31.85 13.31 1.63
CA HIS A 58 30.82 12.62 0.90
C HIS A 58 29.69 12.48 1.87
N TYR A 59 28.44 12.72 1.50
CA TYR A 59 27.35 12.60 2.45
C TYR A 59 26.36 11.61 1.90
N LYS A 60 25.85 10.63 2.65
CA LYS A 60 24.93 9.69 2.02
C LYS A 60 23.53 10.21 2.12
N ILE A 61 22.86 10.23 0.98
CA ILE A 61 21.44 10.59 0.90
C ILE A 61 20.63 9.28 0.97
N ARG A 62 20.04 9.00 2.14
CA ARG A 62 19.19 7.84 2.32
C ARG A 62 17.76 8.15 1.87
N LYS A 63 16.99 7.18 1.37
CA LYS A 63 15.61 7.50 0.98
C LYS A 63 14.65 6.80 1.94
N LEU A 64 13.46 7.33 2.21
CA LEU A 64 12.50 6.68 3.08
C LEU A 64 11.43 6.16 2.18
N ASP A 65 10.75 5.16 2.71
CA ASP A 65 9.66 4.55 1.98
C ASP A 65 8.49 5.52 1.89
N SER A 66 8.42 6.57 2.73
CA SER A 66 7.41 7.60 2.57
C SER A 66 7.74 8.44 1.32
N GLY A 67 8.90 8.22 0.69
CA GLY A 67 9.31 8.82 -0.57
C GLY A 67 10.05 10.16 -0.47
N GLY A 68 10.92 10.22 0.52
CA GLY A 68 11.63 11.45 0.82
C GLY A 68 13.09 11.15 1.02
N PHE A 69 13.94 12.11 0.75
CA PHE A 69 15.37 11.94 0.85
C PHE A 69 15.84 12.77 2.01
N TYR A 70 16.93 12.31 2.62
CA TYR A 70 17.58 13.06 3.69
C TYR A 70 19.04 12.72 3.91
N ILE A 71 19.80 13.65 4.46
CA ILE A 71 21.15 13.36 4.91
C ILE A 71 21.08 13.27 6.44
N THR A 72 20.23 14.11 7.06
CA THR A 72 20.12 14.20 8.50
C THR A 72 18.79 13.79 9.11
N SER A 73 17.55 13.84 8.61
CA SER A 73 16.28 13.30 9.24
C SER A 73 15.41 14.36 9.84
N ARG A 74 16.13 15.35 10.38
CA ARG A 74 15.50 16.53 10.86
C ARG A 74 15.07 17.19 9.55
N THR A 75 15.93 17.33 8.53
CA THR A 75 15.52 18.00 7.29
C THR A 75 15.26 16.93 6.25
N GLN A 76 14.01 16.83 5.72
CA GLN A 76 13.75 15.87 4.64
C GLN A 76 13.19 16.61 3.45
N PHE A 77 13.43 16.05 2.24
CA PHE A 77 13.11 16.72 0.99
C PHE A 77 12.38 15.71 0.15
N SER A 78 11.41 16.09 -0.65
CA SER A 78 10.69 15.13 -1.49
C SER A 78 11.35 14.82 -2.82
N SER A 79 12.48 15.47 -3.02
CA SER A 79 13.11 15.64 -4.30
C SER A 79 14.59 15.85 -4.09
N LEU A 80 15.50 15.22 -4.84
CA LEU A 80 16.90 15.53 -4.71
C LEU A 80 17.09 16.93 -5.30
N GLN A 81 16.33 17.40 -6.32
CA GLN A 81 16.57 18.78 -6.71
C GLN A 81 16.20 19.74 -5.63
N GLN A 82 15.30 19.36 -4.71
CA GLN A 82 14.89 20.25 -3.62
C GLN A 82 16.02 20.37 -2.61
N LEU A 83 16.61 19.21 -2.28
CA LEU A 83 17.78 19.05 -1.41
C LEU A 83 18.96 19.91 -1.85
N VAL A 84 19.29 19.83 -3.16
CA VAL A 84 20.33 20.65 -3.73
C VAL A 84 19.93 22.10 -3.53
N ALA A 85 18.77 22.56 -3.95
CA ALA A 85 18.35 23.93 -3.74
C ALA A 85 18.48 24.44 -2.31
N TYR A 86 18.13 23.60 -1.35
CA TYR A 86 18.17 23.93 0.08
C TYR A 86 19.59 24.13 0.53
N TYR A 87 20.46 23.12 0.35
CA TYR A 87 21.87 23.22 0.68
C TYR A 87 22.69 24.24 -0.10
N SER A 88 22.08 24.87 -1.09
CA SER A 88 22.69 25.95 -1.82
C SER A 88 22.37 27.22 -1.10
N LYS A 89 21.21 27.30 -0.44
CA LYS A 89 20.85 28.54 0.15
C LYS A 89 21.46 28.70 1.52
N HIS A 90 21.61 27.62 2.28
CA HIS A 90 22.24 27.61 3.60
C HIS A 90 22.79 26.23 3.96
N ALA A 91 24.11 26.14 4.25
CA ALA A 91 24.81 24.93 4.63
C ALA A 91 24.17 24.02 5.67
N ASP A 92 23.59 24.63 6.71
CA ASP A 92 22.89 23.97 7.81
C ASP A 92 23.44 22.61 8.19
N GLY A 93 24.73 22.54 8.44
CA GLY A 93 25.35 21.31 8.92
C GLY A 93 26.37 20.80 7.93
N LEU A 94 26.12 21.07 6.65
CA LEU A 94 27.05 20.68 5.62
C LEU A 94 28.38 21.39 5.88
N CYS A 95 29.47 20.84 5.34
CA CYS A 95 30.79 21.39 5.56
C CYS A 95 30.89 22.75 4.94
N HIS A 96 30.06 23.02 3.94
CA HIS A 96 30.08 24.29 3.24
C HIS A 96 28.82 24.29 2.41
N ARG A 97 28.15 25.43 2.22
CA ARG A 97 26.96 25.42 1.39
C ARG A 97 27.33 25.06 -0.06
N LEU A 98 26.43 24.59 -0.89
CA LEU A 98 26.83 24.16 -2.20
C LEU A 98 26.92 25.42 -3.05
N THR A 99 28.01 25.61 -3.82
CA THR A 99 28.16 26.85 -4.57
C THR A 99 28.29 26.61 -6.05
N ASN A 100 28.37 25.38 -6.53
CA ASN A 100 28.91 25.18 -7.88
C ASN A 100 28.65 23.78 -8.43
N VAL A 101 28.14 23.58 -9.64
CA VAL A 101 27.93 22.24 -10.15
C VAL A 101 29.25 21.87 -10.80
N CYS A 102 29.87 20.78 -10.35
CA CYS A 102 31.17 20.35 -10.87
C CYS A 102 31.27 20.21 -12.40
N PRO A 103 32.27 20.81 -13.07
CA PRO A 103 32.58 20.70 -14.50
C PRO A 103 32.84 19.32 -15.05
N THR A 104 32.14 19.13 -16.17
CA THR A 104 32.16 18.04 -17.15
C THR A 104 30.83 17.93 -17.90
N PRO B 2 34.09 2.79 3.19
CA PRO B 2 34.58 4.16 3.01
C PRO B 2 33.86 5.12 3.95
N GLN B 3 34.50 6.18 4.43
CA GLN B 3 33.81 7.05 5.40
C GLN B 3 32.99 8.11 4.72
N GLU B 5 30.66 11.67 5.70
CA GLU B 5 30.35 12.69 6.67
C GLU B 5 28.92 12.59 7.12
N GLU B 6 28.70 12.84 8.40
CA GLU B 6 27.34 12.99 8.89
C GLU B 6 27.19 14.39 9.46
N ILE B 7 26.01 14.97 9.24
CA ILE B 7 25.67 16.30 9.76
C ILE B 7 25.48 16.14 11.28
N PRO B 8 26.07 16.92 12.19
CA PRO B 8 26.44 16.43 13.52
C PRO B 8 25.35 15.83 14.40
N ALA C 2 -56.74 3.57 -6.77
CA ALA C 2 -56.10 3.92 -8.04
C ALA C 2 -54.85 3.06 -8.20
N GLU C 3 -55.11 1.79 -8.55
CA GLU C 3 -54.07 0.78 -8.62
C GLU C 3 -52.90 0.85 -9.58
N GLU C 4 -52.49 1.94 -10.23
CA GLU C 4 -51.31 1.90 -11.11
C GLU C 4 -49.98 1.55 -10.43
N TRP C 5 -49.93 1.71 -9.10
CA TRP C 5 -48.79 1.44 -8.24
C TRP C 5 -49.05 0.19 -7.44
N TYR C 6 -50.13 -0.55 -7.75
CA TYR C 6 -50.42 -1.78 -7.06
C TYR C 6 -50.06 -2.89 -8.02
N PHE C 7 -49.02 -3.61 -7.62
CA PHE C 7 -48.47 -4.66 -8.45
C PHE C 7 -48.88 -6.01 -7.92
N GLY C 8 -49.95 -6.09 -7.13
CA GLY C 8 -50.49 -7.36 -6.68
C GLY C 8 -49.56 -8.23 -5.88
N LYS C 9 -49.43 -9.50 -6.26
CA LYS C 9 -48.70 -10.47 -5.44
C LYS C 9 -47.29 -10.83 -5.93
N ILE C 10 -46.63 -9.79 -6.51
CA ILE C 10 -45.25 -9.83 -6.98
C ILE C 10 -44.26 -10.16 -5.87
N THR C 11 -43.13 -10.77 -6.22
CA THR C 11 -42.23 -11.20 -5.16
C THR C 11 -41.30 -10.09 -4.75
N ARG C 12 -40.61 -10.24 -3.61
CA ARG C 12 -39.66 -9.23 -3.17
C ARG C 12 -38.49 -9.05 -4.13
N ARG C 13 -37.85 -10.07 -4.74
CA ARG C 13 -36.76 -9.78 -5.65
C ARG C 13 -37.23 -9.40 -7.04
N GLU C 14 -38.51 -9.58 -7.36
CA GLU C 14 -39.04 -9.07 -8.62
C GLU C 14 -39.51 -7.63 -8.44
N SER C 15 -39.83 -7.22 -7.18
CA SER C 15 -40.13 -5.82 -6.90
C SER C 15 -38.78 -5.11 -6.84
N GLU C 16 -37.77 -5.69 -6.17
CA GLU C 16 -36.41 -5.16 -6.18
C GLU C 16 -35.77 -5.01 -7.54
N ARG C 17 -35.78 -6.01 -8.45
CA ARG C 17 -35.16 -5.84 -9.76
C ARG C 17 -35.86 -4.82 -10.64
N LEU C 18 -37.15 -4.70 -10.44
CA LEU C 18 -37.98 -3.74 -11.14
C LEU C 18 -37.78 -2.32 -10.58
N LEU C 19 -37.62 -2.14 -9.25
CA LEU C 19 -37.41 -0.84 -8.59
C LEU C 19 -36.00 -0.28 -8.75
N LEU C 20 -35.05 -1.22 -8.83
CA LEU C 20 -33.63 -0.92 -8.93
C LEU C 20 -33.05 -0.42 -10.27
N ASN C 21 -33.83 -0.41 -11.36
CA ASN C 21 -33.40 0.10 -12.64
C ASN C 21 -32.80 1.50 -12.50
N PRO C 22 -31.62 1.74 -13.04
CA PRO C 22 -30.99 3.05 -13.01
C PRO C 22 -31.79 4.27 -13.42
N GLU C 23 -32.83 4.18 -14.26
CA GLU C 23 -33.60 5.35 -14.64
C GLU C 23 -34.53 5.91 -13.59
N ASN C 24 -34.90 5.05 -12.63
CA ASN C 24 -35.79 5.38 -11.54
C ASN C 24 -35.25 6.46 -10.62
N PRO C 25 -35.90 7.65 -10.51
CA PRO C 25 -35.57 8.66 -9.53
C PRO C 25 -35.76 8.15 -8.12
N ARG C 26 -35.09 8.80 -7.17
CA ARG C 26 -35.16 8.38 -5.77
C ARG C 26 -36.57 8.49 -5.23
N GLY C 27 -37.05 7.42 -4.61
CA GLY C 27 -38.37 7.43 -4.05
C GLY C 27 -39.42 6.85 -4.98
N THR C 28 -39.08 6.12 -6.07
CA THR C 28 -40.10 5.40 -6.84
C THR C 28 -40.47 4.18 -5.99
N PHE C 29 -41.76 3.83 -6.11
CA PHE C 29 -42.36 2.84 -5.23
C PHE C 29 -43.35 1.95 -5.96
N LEU C 30 -43.75 0.93 -5.20
CA LEU C 30 -44.88 0.12 -5.58
C LEU C 30 -45.38 -0.46 -4.25
N VAL C 31 -46.67 -0.77 -4.28
CA VAL C 31 -47.32 -1.43 -3.18
C VAL C 31 -47.69 -2.81 -3.74
N ARG C 32 -47.37 -3.82 -2.95
CA ARG C 32 -47.61 -5.20 -3.32
C ARG C 32 -48.12 -6.00 -2.11
N GLU C 33 -48.47 -7.29 -2.26
CA GLU C 33 -48.89 -8.12 -1.15
C GLU C 33 -47.67 -8.58 -0.38
N SER C 34 -47.76 -9.17 0.81
CA SER C 34 -46.57 -9.68 1.47
C SER C 34 -46.41 -11.21 1.41
N GLU C 35 -45.22 -11.68 1.01
CA GLU C 35 -44.90 -13.09 1.02
C GLU C 35 -44.72 -13.61 2.44
N THR C 36 -44.44 -12.72 3.37
CA THR C 36 -44.21 -13.12 4.75
C THR C 36 -45.53 -13.03 5.55
N THR C 37 -46.55 -12.30 5.10
CA THR C 37 -47.79 -12.16 5.86
C THR C 37 -48.98 -12.04 4.91
N LYS C 38 -49.97 -12.95 5.00
CA LYS C 38 -51.13 -12.99 4.07
C LYS C 38 -52.11 -11.81 4.12
N GLY C 39 -52.29 -11.18 5.28
CA GLY C 39 -53.18 -10.04 5.34
C GLY C 39 -52.46 -8.73 5.04
N ALA C 40 -51.12 -8.76 5.17
CA ALA C 40 -50.29 -7.56 5.08
C ALA C 40 -49.87 -7.19 3.69
N TYR C 41 -49.61 -5.91 3.52
CA TYR C 41 -49.02 -5.47 2.29
C TYR C 41 -47.61 -5.01 2.56
N CYS C 42 -46.98 -4.55 1.48
CA CYS C 42 -45.63 -4.05 1.56
C CYS C 42 -45.44 -2.97 0.53
N LEU C 43 -44.87 -1.87 1.03
CA LEU C 43 -44.52 -0.69 0.23
C LEU C 43 -43.02 -0.84 -0.08
N SER C 44 -42.55 -0.80 -1.34
CA SER C 44 -41.12 -0.93 -1.63
C SER C 44 -40.69 0.34 -2.37
N VAL C 45 -39.63 0.97 -1.87
CA VAL C 45 -39.24 2.26 -2.42
C VAL C 45 -37.74 2.30 -2.54
N SER C 46 -37.33 2.89 -3.68
CA SER C 46 -35.94 3.08 -3.99
C SER C 46 -35.40 4.32 -3.35
N ASP C 47 -34.13 4.10 -3.01
CA ASP C 47 -33.33 5.05 -2.27
C ASP C 47 -31.90 4.99 -2.77
N PHE C 48 -31.06 5.88 -2.25
CA PHE C 48 -29.65 5.96 -2.60
C PHE C 48 -28.77 6.56 -1.48
N ASP C 49 -28.06 5.88 -0.57
CA ASP C 49 -27.01 6.60 0.16
C ASP C 49 -25.67 6.35 -0.55
N ASN C 50 -24.64 7.22 -0.49
CA ASN C 50 -23.35 7.01 -1.17
C ASN C 50 -22.62 5.69 -0.92
N ALA C 51 -22.78 5.03 0.22
CA ALA C 51 -22.04 3.81 0.52
C ALA C 51 -22.74 2.59 0.06
N LYS C 52 -24.07 2.57 0.15
CA LYS C 52 -24.76 1.38 -0.23
C LYS C 52 -25.25 1.44 -1.67
N GLY C 53 -25.19 2.64 -2.28
CA GLY C 53 -25.63 2.83 -3.65
C GLY C 53 -27.12 2.62 -3.81
N LEU C 54 -27.59 2.39 -5.05
CA LEU C 54 -29.00 2.07 -5.34
C LEU C 54 -29.51 1.02 -4.37
N ASN C 55 -30.47 1.33 -3.51
CA ASN C 55 -31.05 0.32 -2.65
C ASN C 55 -32.55 0.51 -2.49
N VAL C 56 -33.25 -0.53 -2.05
CA VAL C 56 -34.70 -0.60 -2.00
C VAL C 56 -35.09 -0.75 -0.53
N LYS C 57 -35.97 0.09 0.06
CA LYS C 57 -36.48 -0.19 1.40
C LYS C 57 -37.88 -0.76 1.27
N HIS C 58 -38.19 -1.78 2.07
CA HIS C 58 -39.46 -2.47 2.01
C HIS C 58 -40.09 -2.30 3.38
N TYR C 59 -41.22 -1.62 3.43
CA TYR C 59 -41.91 -1.36 4.67
C TYR C 59 -43.15 -2.24 4.71
N LYS C 60 -43.47 -2.85 5.86
CA LYS C 60 -44.67 -3.65 5.91
C LYS C 60 -45.80 -2.76 6.37
N ILE C 61 -46.84 -2.73 5.52
CA ILE C 61 -48.12 -2.04 5.74
C ILE C 61 -49.07 -3.01 6.44
N ARG C 62 -49.09 -3.06 7.76
CA ARG C 62 -49.98 -3.98 8.46
C ARG C 62 -51.43 -3.51 8.44
N LYS C 63 -52.30 -4.50 8.25
CA LYS C 63 -53.74 -4.31 8.16
C LYS C 63 -54.32 -4.47 9.56
N LEU C 64 -54.66 -3.34 10.17
CA LEU C 64 -55.27 -3.40 11.48
C LEU C 64 -56.72 -3.93 11.36
N ASP C 65 -57.17 -4.59 12.45
CA ASP C 65 -58.42 -5.33 12.56
C ASP C 65 -59.76 -4.67 12.25
N SER C 66 -59.92 -4.17 11.01
CA SER C 66 -61.09 -3.44 10.55
C SER C 66 -60.86 -3.07 9.09
N GLY C 67 -59.67 -2.50 8.90
CA GLY C 67 -59.22 -1.98 7.62
C GLY C 67 -58.50 -0.64 7.79
N GLY C 68 -57.67 -0.61 8.84
CA GLY C 68 -56.86 0.55 9.22
C GLY C 68 -55.41 0.27 8.86
N PHE C 69 -54.95 0.72 7.70
CA PHE C 69 -53.58 0.47 7.30
C PHE C 69 -52.60 1.42 7.95
N TYR C 70 -51.57 0.82 8.52
CA TYR C 70 -50.54 1.63 9.09
C TYR C 70 -49.18 0.98 8.86
N ILE C 71 -48.17 1.85 8.71
CA ILE C 71 -46.80 1.40 8.68
C ILE C 71 -46.30 1.66 10.11
N THR C 72 -46.59 2.80 10.76
CA THR C 72 -46.06 2.99 12.10
C THR C 72 -47.05 2.88 13.29
N SER C 73 -48.36 3.15 13.22
CA SER C 73 -49.35 3.09 14.34
C SER C 73 -49.75 4.48 14.71
N ARG C 74 -48.78 5.38 14.73
CA ARG C 74 -49.00 6.78 15.00
C ARG C 74 -49.92 7.23 13.88
N THR C 75 -49.66 7.00 12.59
CA THR C 75 -50.61 7.39 11.53
C THR C 75 -51.30 6.14 10.96
N GLN C 76 -52.63 6.10 10.93
CA GLN C 76 -53.34 4.95 10.45
C GLN C 76 -54.19 5.44 9.32
N PHE C 77 -54.55 4.57 8.38
CA PHE C 77 -55.30 4.98 7.21
C PHE C 77 -56.50 4.06 6.86
N SER C 78 -57.46 4.77 6.28
CA SER C 78 -58.73 4.23 5.95
C SER C 78 -58.46 3.41 4.72
N SER C 79 -57.77 3.96 3.73
CA SER C 79 -57.37 3.19 2.55
C SER C 79 -55.88 3.15 2.28
N LEU C 80 -55.46 2.12 1.55
CA LEU C 80 -54.10 2.04 1.04
C LEU C 80 -53.86 3.25 0.14
N GLN C 81 -54.88 3.79 -0.52
CA GLN C 81 -54.65 4.94 -1.40
C GLN C 81 -54.50 6.28 -0.69
N GLN C 82 -55.01 6.30 0.55
CA GLN C 82 -54.85 7.43 1.43
C GLN C 82 -53.44 7.36 2.01
N LEU C 83 -52.88 6.16 2.24
CA LEU C 83 -51.50 5.98 2.68
C LEU C 83 -50.54 6.48 1.62
N VAL C 84 -50.72 6.09 0.36
CA VAL C 84 -49.83 6.51 -0.71
C VAL C 84 -49.88 8.00 -0.97
N ALA C 85 -51.05 8.59 -0.83
CA ALA C 85 -51.25 10.01 -0.99
C ALA C 85 -50.47 10.76 0.06
N TYR C 86 -50.56 10.29 1.32
CA TYR C 86 -49.92 10.96 2.45
C TYR C 86 -48.42 10.86 2.34
N TYR C 87 -47.86 9.65 2.16
CA TYR C 87 -46.40 9.56 2.08
C TYR C 87 -45.81 10.21 0.86
N SER C 88 -46.64 10.64 -0.13
CA SER C 88 -46.18 11.43 -1.28
C SER C 88 -46.10 12.85 -0.85
N LYS C 89 -47.05 13.32 -0.01
CA LYS C 89 -47.08 14.69 0.44
C LYS C 89 -45.88 14.95 1.31
N HIS C 90 -45.51 14.00 2.18
CA HIS C 90 -44.35 14.13 3.06
C HIS C 90 -43.82 12.80 3.58
N ALA C 91 -42.49 12.67 3.68
CA ALA C 91 -41.85 11.42 4.08
C ALA C 91 -42.24 10.96 5.47
N ASP C 92 -42.30 11.91 6.41
CA ASP C 92 -42.67 11.70 7.81
C ASP C 92 -42.16 10.42 8.44
N GLY C 93 -40.85 10.21 8.32
CA GLY C 93 -40.24 9.04 8.93
C GLY C 93 -39.74 8.08 7.88
N LEU C 94 -40.40 8.05 6.71
CA LEU C 94 -40.00 7.25 5.58
C LEU C 94 -38.63 7.74 5.05
N CYS C 95 -37.90 6.83 4.43
CA CYS C 95 -36.62 7.13 3.86
C CYS C 95 -36.70 8.25 2.81
N HIS C 96 -37.81 8.46 2.13
CA HIS C 96 -37.94 9.52 1.16
C HIS C 96 -39.41 9.54 0.81
N ARG C 97 -39.96 10.70 0.47
CA ARG C 97 -41.35 10.75 0.06
C ARG C 97 -41.50 10.02 -1.24
N LEU C 98 -42.70 9.53 -1.54
CA LEU C 98 -42.95 8.75 -2.72
C LEU C 98 -43.05 9.77 -3.81
N THR C 99 -42.21 9.54 -4.80
CA THR C 99 -42.09 10.43 -5.94
C THR C 99 -42.53 9.87 -7.26
N ASN C 100 -42.63 8.55 -7.47
CA ASN C 100 -42.81 8.08 -8.84
C ASN C 100 -43.27 6.65 -8.84
N VAL C 101 -44.25 6.26 -9.65
CA VAL C 101 -44.73 4.88 -9.64
C VAL C 101 -43.81 4.05 -10.50
N CYS C 102 -43.49 2.89 -9.97
CA CYS C 102 -42.56 1.96 -10.62
C CYS C 102 -43.07 1.53 -11.98
N PRO C 103 -42.35 1.76 -13.09
CA PRO C 103 -42.82 1.45 -14.45
C PRO C 103 -42.94 -0.06 -14.74
N THR C 104 -44.19 -0.41 -15.12
CA THR C 104 -44.70 -1.70 -15.60
C THR C 104 -46.14 -1.89 -15.15
N PRO D 2 -36.59 -12.13 4.81
CA PRO D 2 -37.05 -10.78 4.59
C PRO D 2 -36.68 -9.80 5.70
N GLN D 3 -36.14 -8.64 5.30
CA GLN D 3 -35.88 -7.54 6.22
C GLN D 3 -36.63 -6.33 5.66
N GLU D 5 -38.23 -2.34 6.88
CA GLU D 5 -37.88 -1.19 7.68
C GLU D 5 -38.99 -0.74 8.60
N GLU D 6 -38.58 -0.24 9.76
CA GLU D 6 -39.50 0.35 10.70
C GLU D 6 -39.48 1.84 10.43
N ILE D 7 -40.53 2.58 10.83
CA ILE D 7 -40.40 4.07 10.84
C ILE D 7 -40.13 4.46 12.33
N ALA E 2 28.80 -24.47 -7.01
CA ALA E 2 28.70 -23.03 -7.01
C ALA E 2 27.43 -22.51 -6.34
N GLU E 3 26.28 -22.52 -7.07
CA GLU E 3 25.00 -22.05 -6.54
C GLU E 3 24.26 -23.18 -5.79
N GLU E 4 25.02 -23.88 -4.92
CA GLU E 4 24.50 -25.01 -4.19
C GLU E 4 23.68 -24.68 -2.94
N TRP E 5 23.15 -23.44 -2.92
CA TRP E 5 22.16 -23.04 -1.93
C TRP E 5 20.80 -23.13 -2.58
N TYR E 6 20.69 -23.23 -3.93
CA TYR E 6 19.39 -23.32 -4.59
C TYR E 6 18.81 -24.71 -4.42
N PHE E 7 17.85 -24.87 -3.51
CA PHE E 7 17.24 -26.16 -3.27
C PHE E 7 16.07 -26.55 -4.17
N GLY E 8 15.48 -25.71 -5.02
CA GLY E 8 14.38 -26.16 -5.88
C GLY E 8 13.01 -26.35 -5.21
N LYS E 9 12.31 -27.40 -5.62
CA LYS E 9 10.96 -27.64 -5.15
C LYS E 9 10.92 -28.44 -3.87
N ILE E 10 11.54 -27.95 -2.80
CA ILE E 10 11.36 -28.61 -1.52
C ILE E 10 10.23 -27.87 -0.82
N THR E 11 9.83 -28.36 0.35
CA THR E 11 8.69 -27.77 1.03
C THR E 11 9.16 -26.85 2.13
N ARG E 12 8.26 -25.99 2.64
CA ARG E 12 8.60 -25.15 3.80
C ARG E 12 8.98 -26.04 4.99
N ARG E 13 8.30 -27.20 5.20
CA ARG E 13 8.60 -28.14 6.28
C ARG E 13 9.99 -28.72 6.10
N GLU E 14 10.37 -29.14 4.89
CA GLU E 14 11.72 -29.64 4.61
C GLU E 14 12.81 -28.60 4.89
N SER E 15 12.56 -27.36 4.47
CA SER E 15 13.46 -26.24 4.74
C SER E 15 13.58 -25.97 6.21
N GLU E 16 12.48 -26.06 6.94
CA GLU E 16 12.49 -25.82 8.36
C GLU E 16 13.24 -26.92 9.09
N ARG E 17 13.12 -28.22 8.72
CA ARG E 17 13.88 -29.22 9.43
C ARG E 17 15.36 -29.12 9.11
N LEU E 18 15.79 -28.82 7.89
CA LEU E 18 17.21 -28.73 7.62
C LEU E 18 17.78 -27.49 8.29
N LEU E 19 17.05 -26.36 8.30
CA LEU E 19 17.54 -25.13 8.91
C LEU E 19 17.43 -25.03 10.42
N LEU E 20 16.67 -25.93 11.04
CA LEU E 20 16.63 -26.00 12.49
C LEU E 20 17.65 -27.00 13.05
N ASN E 21 18.65 -27.36 12.24
CA ASN E 21 19.79 -28.13 12.70
C ASN E 21 20.50 -27.24 13.72
N PRO E 22 20.66 -27.68 14.99
CA PRO E 22 21.34 -26.93 16.02
C PRO E 22 22.80 -26.64 15.71
N GLU E 23 23.41 -27.34 14.73
CA GLU E 23 24.78 -27.04 14.35
C GLU E 23 24.91 -25.76 13.54
N ASN E 24 23.83 -25.43 12.80
CA ASN E 24 23.83 -24.32 11.86
C ASN E 24 24.09 -22.97 12.53
N PRO E 25 25.04 -22.16 12.05
CA PRO E 25 25.07 -20.73 12.32
C PRO E 25 23.80 -19.95 11.99
N ARG E 26 23.97 -18.66 12.16
CA ARG E 26 22.87 -17.73 12.00
C ARG E 26 23.16 -16.99 10.72
N GLY E 27 22.11 -16.85 9.92
CA GLY E 27 22.26 -16.28 8.59
C GLY E 27 22.32 -17.40 7.56
N THR E 28 22.33 -18.65 8.05
CA THR E 28 22.35 -19.86 7.25
C THR E 28 21.09 -19.91 6.40
N PHE E 29 21.27 -20.15 5.10
CA PHE E 29 20.13 -20.04 4.22
C PHE E 29 19.99 -21.12 3.16
N LEU E 30 18.91 -20.94 2.39
CA LEU E 30 18.64 -21.71 1.17
C LEU E 30 17.61 -20.96 0.35
N VAL E 31 17.72 -20.94 -0.96
CA VAL E 31 16.65 -20.38 -1.74
C VAL E 31 15.84 -21.60 -2.17
N ARG E 32 14.51 -21.47 -2.23
CA ARG E 32 13.66 -22.52 -2.77
C ARG E 32 12.52 -21.89 -3.56
N GLU E 33 11.65 -22.68 -4.15
CA GLU E 33 10.54 -22.15 -4.91
C GLU E 33 9.40 -21.87 -3.93
N SER E 34 8.59 -20.80 -4.09
CA SER E 34 7.53 -20.60 -3.13
C SER E 34 6.40 -21.58 -3.35
N GLU E 35 6.01 -22.19 -2.24
CA GLU E 35 4.97 -23.21 -2.18
C GLU E 35 3.57 -22.63 -2.35
N THR E 36 3.35 -21.31 -2.25
CA THR E 36 2.02 -20.73 -2.48
C THR E 36 2.13 -19.85 -3.73
N THR E 37 2.73 -18.66 -3.66
CA THR E 37 2.83 -17.77 -4.79
C THR E 37 3.81 -18.33 -5.80
N LYS E 38 3.24 -18.88 -6.87
CA LYS E 38 4.02 -19.41 -7.98
C LYS E 38 4.76 -18.28 -8.69
N GLY E 39 5.93 -18.62 -9.23
CA GLY E 39 6.74 -17.63 -9.94
C GLY E 39 7.46 -16.70 -8.99
N ALA E 40 7.43 -17.09 -7.72
CA ALA E 40 8.11 -16.38 -6.68
C ALA E 40 9.01 -17.44 -6.02
N TYR E 41 10.09 -17.02 -5.33
CA TYR E 41 10.94 -17.95 -4.61
C TYR E 41 10.97 -17.60 -3.12
N CYS E 42 11.78 -18.28 -2.31
CA CYS E 42 11.84 -17.93 -0.92
C CYS E 42 13.23 -18.17 -0.45
N LEU E 43 13.72 -17.15 0.24
CA LEU E 43 14.98 -17.24 0.91
C LEU E 43 14.63 -17.73 2.32
N SER E 44 14.87 -18.97 2.77
CA SER E 44 14.62 -19.32 4.15
C SER E 44 15.97 -19.19 4.86
N VAL E 45 15.97 -18.39 5.93
CA VAL E 45 17.14 -17.96 6.70
C VAL E 45 16.95 -18.33 8.16
N SER E 46 17.79 -19.17 8.76
CA SER E 46 17.71 -19.42 10.20
C SER E 46 18.33 -18.25 10.99
N ASP E 47 17.74 -18.06 12.16
CA ASP E 47 18.03 -16.96 13.08
C ASP E 47 17.99 -17.39 14.55
N PHE E 48 18.77 -16.64 15.33
CA PHE E 48 18.88 -16.81 16.77
C PHE E 48 18.57 -15.45 17.36
N ASP E 49 17.44 -15.36 18.03
CA ASP E 49 17.05 -14.10 18.63
C ASP E 49 16.86 -14.21 20.14
N ASN E 50 17.26 -15.35 20.75
CA ASN E 50 17.08 -15.65 22.19
C ASN E 50 15.57 -15.59 22.53
N ALA E 51 15.12 -15.87 23.77
CA ALA E 51 13.70 -15.85 24.18
C ALA E 51 12.69 -16.73 23.40
N LYS E 52 12.55 -16.47 22.08
CA LYS E 52 11.86 -17.27 21.07
C LYS E 52 12.76 -18.44 20.62
N GLY E 53 14.08 -18.20 20.72
CA GLY E 53 15.11 -19.21 20.51
C GLY E 53 15.73 -19.27 19.12
N LEU E 54 15.67 -20.50 18.62
CA LEU E 54 16.20 -20.89 17.31
C LEU E 54 15.03 -20.89 16.33
N ASN E 55 15.03 -19.98 15.36
CA ASN E 55 13.90 -19.88 14.46
C ASN E 55 14.26 -19.79 12.97
N VAL E 56 13.22 -19.75 12.12
CA VAL E 56 13.36 -19.78 10.68
C VAL E 56 12.53 -18.64 10.07
N LYS E 57 13.16 -17.69 9.36
CA LYS E 57 12.43 -16.65 8.66
C LYS E 57 12.34 -17.03 7.21
N HIS E 58 11.17 -16.90 6.61
CA HIS E 58 11.04 -17.20 5.19
C HIS E 58 10.74 -15.88 4.52
N TYR E 59 11.57 -15.39 3.61
CA TYR E 59 11.28 -14.15 2.90
C TYR E 59 10.93 -14.50 1.47
N LYS E 60 9.85 -14.00 0.92
CA LYS E 60 9.49 -14.35 -0.42
C LYS E 60 10.16 -13.43 -1.42
N ILE E 61 10.88 -14.02 -2.38
CA ILE E 61 11.53 -13.27 -3.44
C ILE E 61 10.52 -13.20 -4.56
N ARG E 62 10.35 -12.05 -5.18
CA ARG E 62 9.46 -11.92 -6.30
C ARG E 62 10.16 -11.62 -7.59
N LYS E 63 9.41 -11.92 -8.65
CA LYS E 63 9.83 -11.64 -9.99
C LYS E 63 8.95 -10.52 -10.56
N LEU E 64 9.62 -9.36 -10.72
CA LEU E 64 9.04 -8.15 -11.31
C LEU E 64 8.95 -8.50 -12.80
N ASP E 65 7.72 -8.46 -13.35
CA ASP E 65 7.47 -8.85 -14.75
C ASP E 65 8.40 -8.18 -15.76
N SER E 66 8.62 -6.89 -15.55
CA SER E 66 9.55 -6.17 -16.37
C SER E 66 10.67 -5.80 -15.42
N GLY E 67 11.75 -6.60 -15.40
CA GLY E 67 12.90 -6.35 -14.52
C GLY E 67 13.43 -7.59 -13.80
N GLY E 68 13.77 -7.48 -12.50
CA GLY E 68 14.39 -8.58 -11.78
C GLY E 68 13.64 -9.19 -10.59
N PHE E 69 14.45 -9.52 -9.59
CA PHE E 69 14.03 -10.15 -8.35
C PHE E 69 14.19 -9.23 -7.14
N TYR E 70 13.19 -9.16 -6.26
CA TYR E 70 13.28 -8.32 -5.08
C TYR E 70 12.65 -8.97 -3.85
N ILE E 71 13.20 -8.64 -2.70
CA ILE E 71 12.50 -8.95 -1.48
C ILE E 71 11.74 -7.66 -1.10
N THR E 72 12.25 -6.46 -1.43
CA THR E 72 11.64 -5.21 -0.99
C THR E 72 11.21 -4.24 -2.07
N SER E 73 11.76 -4.21 -3.28
CA SER E 73 11.48 -3.26 -4.38
C SER E 73 12.42 -2.09 -4.30
N ARG E 74 12.78 -1.58 -3.11
CA ARG E 74 13.87 -0.60 -2.98
C ARG E 74 15.12 -1.26 -3.59
N THR E 75 15.39 -2.43 -3.01
CA THR E 75 16.51 -3.27 -3.39
C THR E 75 16.04 -4.37 -4.38
N GLN E 76 16.21 -4.15 -5.69
CA GLN E 76 15.91 -5.11 -6.75
C GLN E 76 17.20 -5.70 -7.27
N PHE E 77 17.12 -6.89 -7.88
CA PHE E 77 18.31 -7.60 -8.25
C PHE E 77 18.24 -8.22 -9.61
N SER E 78 19.46 -8.25 -10.15
CA SER E 78 19.81 -8.74 -11.49
C SER E 78 19.34 -10.16 -11.73
N SER E 79 19.40 -10.95 -10.64
CA SER E 79 19.19 -12.39 -10.63
C SER E 79 19.18 -12.94 -9.23
N LEU E 80 18.93 -14.24 -8.98
CA LEU E 80 19.02 -14.76 -7.62
C LEU E 80 20.45 -14.76 -7.08
N GLN E 81 21.41 -14.78 -8.02
CA GLN E 81 22.84 -14.72 -7.77
C GLN E 81 23.26 -13.44 -7.09
N GLN E 82 22.93 -12.28 -7.66
CA GLN E 82 23.30 -11.05 -6.98
C GLN E 82 22.43 -10.76 -5.76
N LEU E 83 21.21 -11.33 -5.69
CA LEU E 83 20.31 -11.22 -4.53
C LEU E 83 21.02 -11.89 -3.35
N VAL E 84 21.48 -13.12 -3.54
CA VAL E 84 22.14 -13.87 -2.48
C VAL E 84 23.49 -13.24 -2.18
N ALA E 85 24.17 -12.75 -3.22
CA ALA E 85 25.43 -12.06 -3.07
C ALA E 85 25.35 -10.82 -2.19
N TYR E 86 24.32 -9.98 -2.45
CA TYR E 86 24.08 -8.74 -1.72
C TYR E 86 23.76 -8.89 -0.24
N TYR E 87 22.80 -9.73 0.16
CA TYR E 87 22.54 -9.92 1.58
C TYR E 87 23.63 -10.75 2.23
N SER E 88 24.51 -11.38 1.44
CA SER E 88 25.69 -12.01 1.99
C SER E 88 26.62 -10.89 2.45
N LYS E 89 26.64 -9.74 1.78
CA LYS E 89 27.45 -8.63 2.23
C LYS E 89 26.61 -7.55 2.89
N HIS E 90 26.07 -6.57 2.13
CA HIS E 90 25.27 -5.50 2.70
C HIS E 90 23.79 -5.85 2.97
N ALA E 91 23.57 -6.56 4.08
CA ALA E 91 22.28 -7.03 4.58
C ALA E 91 21.16 -6.07 5.03
N ASP E 92 20.54 -5.31 4.12
CA ASP E 92 19.51 -4.38 4.55
C ASP E 92 18.04 -4.80 4.49
N GLY E 93 17.61 -5.01 5.75
CA GLY E 93 16.25 -5.39 6.08
C GLY E 93 16.14 -6.75 6.77
N LEU E 94 17.05 -7.65 6.40
CA LEU E 94 17.05 -9.03 6.86
C LEU E 94 17.48 -9.20 8.29
N CYS E 95 17.03 -10.35 8.79
CA CYS E 95 17.28 -10.81 10.14
C CYS E 95 18.77 -11.04 10.45
N HIS E 96 19.57 -11.15 9.38
CA HIS E 96 21.00 -11.35 9.45
C HIS E 96 21.51 -11.45 8.04
N ARG E 97 22.84 -11.29 7.99
CA ARG E 97 23.65 -11.42 6.81
C ARG E 97 23.61 -12.89 6.41
N LEU E 98 23.59 -13.16 5.10
CA LEU E 98 23.57 -14.54 4.64
C LEU E 98 25.00 -14.99 4.77
N THR E 99 25.14 -15.74 5.84
CA THR E 99 26.44 -16.27 6.18
C THR E 99 26.72 -17.53 5.36
N ASN E 100 26.12 -18.70 5.62
CA ASN E 100 26.47 -19.88 4.84
C ASN E 100 25.31 -20.84 4.58
N VAL E 101 25.51 -21.47 3.42
CA VAL E 101 24.58 -22.41 2.79
C VAL E 101 24.15 -23.57 3.69
N CYS E 102 22.85 -23.86 3.71
CA CYS E 102 22.24 -24.90 4.53
C CYS E 102 22.70 -26.31 4.23
N PRO E 103 23.48 -26.98 5.09
CA PRO E 103 23.89 -28.38 4.91
C PRO E 103 22.73 -29.37 4.88
N THR E 104 22.77 -30.14 3.78
CA THR E 104 21.79 -31.17 3.36
C THR E 104 21.65 -32.38 4.29
N PRO F 2 1.99 -20.37 5.34
CA PRO F 2 2.08 -19.79 6.66
C PRO F 2 2.43 -18.32 6.49
N GLN F 3 3.17 -17.70 7.42
CA GLN F 3 3.52 -16.32 7.15
C GLN F 3 4.99 -16.16 6.76
N GLU F 5 8.16 -13.23 6.38
CA GLU F 5 8.80 -12.03 6.88
C GLU F 5 8.87 -11.01 5.77
N GLU F 6 8.49 -9.80 6.19
CA GLU F 6 8.53 -8.61 5.37
C GLU F 6 9.69 -7.84 5.96
N ILE F 7 10.41 -7.10 5.11
CA ILE F 7 11.54 -6.27 5.52
C ILE F 7 10.86 -5.00 6.06
N PRO F 8 11.42 -4.32 7.06
CA PRO F 8 10.89 -3.08 7.59
C PRO F 8 10.77 -1.98 6.55
N ILE F 9 9.77 -1.14 6.82
CA ILE F 9 9.56 0.09 6.09
C ILE F 9 9.90 1.22 7.05
N TYR F 10 10.83 2.12 6.68
CA TYR F 10 11.20 3.25 7.46
C TYR F 10 10.41 4.41 6.86
N LEU F 11 9.31 4.54 7.64
CA LEU F 11 8.21 5.50 7.77
C LEU F 11 6.71 5.05 7.55
#